data_5CSJ
#
_entry.id   5CSJ
#
_cell.length_a   37.960
_cell.length_b   68.930
_cell.length_c   91.490
_cell.angle_alpha   90.00
_cell.angle_beta   90.00
_cell.angle_gamma   90.00
#
_symmetry.space_group_name_H-M   'P 21 21 21'
#
loop_
_entity.id
_entity.type
_entity.pdbx_description
1 polymer 'Protein S100-B'
2 polymer 'Ribosomal protein S6 kinase alpha-1'
3 non-polymer 'CALCIUM ION'
4 non-polymer 'CHLORIDE ION'
5 water water
#
loop_
_entity_poly.entity_id
_entity_poly.type
_entity_poly.pdbx_seq_one_letter_code
_entity_poly.pdbx_strand_id
1 'polypeptide(L)'
;GSHMSELEKAMVALIDVFHQYSGREGDKHKLKKSELKELINNELSHFLEEIKEQEVVDKVMETLDNDGDGECDFQEFMAF
VAMVTTACHEFFEHE
;
A,B
2 'polypeptide(L)' GSGAMAATYSALNSSKPTPQLKPIESSILAQRRVRKLPSTTL C
#
loop_
_chem_comp.id
_chem_comp.type
_chem_comp.name
_chem_comp.formula
CA non-polymer 'CALCIUM ION' 'Ca 2'
CL non-polymer 'CHLORIDE ION' 'Cl -1'
#
# COMPACT_ATOMS: atom_id res chain seq x y z
N GLY A 1 -0.82 -20.52 0.24
CA GLY A 1 0.03 -21.64 -0.11
C GLY A 1 1.44 -21.50 0.42
N SER A 2 2.34 -22.40 0.00
CA SER A 2 3.73 -22.36 0.45
C SER A 2 4.65 -21.44 -0.38
N HIS A 3 4.29 -21.17 -1.62
CA HIS A 3 5.02 -20.21 -2.40
C HIS A 3 4.69 -18.84 -1.87
N MET A 4 5.64 -17.93 -1.97
CA MET A 4 5.40 -16.50 -1.76
C MET A 4 4.23 -16.11 -2.65
N SER A 5 3.20 -15.51 -2.06
CA SER A 5 2.02 -15.16 -2.83
C SER A 5 2.25 -13.93 -3.66
N GLU A 6 1.34 -13.64 -4.59
CA GLU A 6 1.45 -12.39 -5.34
C GLU A 6 1.42 -11.20 -4.38
N LEU A 7 0.55 -11.27 -3.37
CA LEU A 7 0.45 -10.25 -2.33
C LEU A 7 1.79 -10.03 -1.62
N GLU A 8 2.43 -11.12 -1.22
CA GLU A 8 3.66 -11.06 -0.43
C GLU A 8 4.81 -10.54 -1.29
N LYS A 9 4.76 -10.82 -2.58
CA LYS A 9 5.79 -10.33 -3.43
C LYS A 9 5.59 -8.89 -3.77
N ALA A 10 4.36 -8.43 -3.74
CA ALA A 10 4.06 -6.99 -3.91
C ALA A 10 4.64 -6.23 -2.75
N MET A 11 4.38 -6.71 -1.55
CA MET A 11 4.88 -6.05 -0.37
C MET A 11 6.38 -5.94 -0.43
N VAL A 12 7.04 -7.04 -0.76
CA VAL A 12 8.48 -7.04 -0.94
C VAL A 12 8.94 -6.02 -2.00
N ALA A 13 8.19 -5.89 -3.09
CA ALA A 13 8.63 -5.00 -4.12
C ALA A 13 8.56 -3.58 -3.57
N LEU A 14 7.57 -3.30 -2.71
CA LEU A 14 7.48 -1.97 -2.09
C LEU A 14 8.64 -1.64 -1.21
N ILE A 15 9.07 -2.61 -0.41
CA ILE A 15 10.22 -2.39 0.41
C ILE A 15 11.46 -2.10 -0.42
N ASP A 16 11.64 -2.85 -1.50
CA ASP A 16 12.84 -2.73 -2.32
C ASP A 16 12.91 -1.41 -3.05
N VAL A 17 11.79 -0.98 -3.62
CA VAL A 17 11.82 0.28 -4.36
C VAL A 17 12.08 1.45 -3.40
N PHE A 18 11.63 1.36 -2.15
CA PHE A 18 11.88 2.41 -1.18
C PHE A 18 13.34 2.52 -0.85
N HIS A 19 13.94 1.39 -0.53
CA HIS A 19 15.35 1.40 -0.16
C HIS A 19 16.18 1.74 -1.41
N GLN A 20 15.68 1.40 -2.57
CA GLN A 20 16.32 1.77 -3.84
C GLN A 20 16.49 3.30 -4.02
N TYR A 21 15.60 4.08 -3.47
CA TYR A 21 15.63 5.53 -3.62
C TYR A 21 16.05 6.24 -2.36
N SER A 22 15.69 5.68 -1.22
CA SER A 22 16.05 6.30 0.03
C SER A 22 17.53 6.22 0.32
N GLY A 23 18.20 5.25 -0.32
CA GLY A 23 19.60 5.00 -0.07
C GLY A 23 20.59 5.89 -0.77
N ARG A 24 20.09 6.79 -1.62
CA ARG A 24 20.94 7.57 -2.49
C ARG A 24 21.70 8.65 -1.75
N GLU A 25 20.95 9.55 -1.15
CA GLU A 25 21.52 10.68 -0.45
C GLU A 25 21.11 10.81 1.01
N GLY A 26 22.07 11.23 1.82
CA GLY A 26 21.87 11.51 3.22
C GLY A 26 21.41 10.25 3.89
N ASP A 27 20.37 10.37 4.69
CA ASP A 27 19.80 9.25 5.40
C ASP A 27 19.26 8.16 4.45
N LYS A 28 19.80 6.95 4.54
CA LYS A 28 19.45 5.84 3.64
C LYS A 28 18.08 5.17 3.96
N HIS A 29 17.46 5.58 5.05
CA HIS A 29 16.21 4.99 5.52
C HIS A 29 15.05 5.98 5.33
N LYS A 30 15.34 7.10 4.67
CA LYS A 30 14.36 8.15 4.38
C LYS A 30 14.51 8.71 2.98
N LEU A 31 13.43 9.27 2.47
CA LEU A 31 13.43 9.94 1.20
C LEU A 31 13.44 11.44 1.42
N LYS A 32 14.53 12.11 1.09
CA LYS A 32 14.50 13.56 1.04
C LYS A 32 13.65 13.94 -0.15
N LYS A 33 13.27 15.22 -0.25
CA LYS A 33 12.41 15.68 -1.33
C LYS A 33 13.08 15.32 -2.66
N SER A 34 14.39 15.46 -2.69
CA SER A 34 15.20 15.08 -3.82
C SER A 34 14.89 13.66 -4.30
N GLU A 35 14.94 12.70 -3.36
CA GLU A 35 14.75 11.27 -3.65
C GLU A 35 13.30 10.89 -3.94
N LEU A 36 12.37 11.51 -3.22
CA LEU A 36 10.96 11.28 -3.44
C LEU A 36 10.58 11.62 -4.89
N LYS A 37 11.08 12.75 -5.35
CA LYS A 37 10.83 13.25 -6.71
C LYS A 37 11.25 12.27 -7.77
N GLU A 38 12.45 11.73 -7.62
CA GLU A 38 12.95 10.77 -8.57
C GLU A 38 12.08 9.53 -8.57
N LEU A 39 11.70 9.05 -7.39
CA LEU A 39 10.83 7.88 -7.27
C LEU A 39 9.54 8.10 -8.07
N ILE A 40 8.82 9.17 -7.75
CA ILE A 40 7.59 9.51 -8.45
C ILE A 40 7.73 9.60 -9.96
N ASN A 41 8.76 10.30 -10.43
CA ASN A 41 8.92 10.52 -11.86
C ASN A 41 9.28 9.27 -12.63
N ASN A 42 9.99 8.35 -11.99
CA ASN A 42 10.44 7.12 -12.66
C ASN A 42 9.55 5.88 -12.49
N GLU A 43 8.90 5.76 -11.33
CA GLU A 43 8.15 4.55 -10.97
C GLU A 43 6.66 4.72 -10.95
N LEU A 44 6.17 5.95 -10.95
CA LEU A 44 4.74 6.16 -10.98
C LEU A 44 4.33 6.93 -12.21
N SER A 45 5.08 6.70 -13.27
CA SER A 45 4.94 7.43 -14.53
C SER A 45 3.71 7.10 -15.31
N HIS A 46 2.89 6.23 -14.77
CA HIS A 46 1.62 5.89 -15.40
C HIS A 46 0.45 6.33 -14.53
N PHE A 47 0.73 6.58 -13.26
CA PHE A 47 -0.29 6.95 -12.30
C PHE A 47 -0.28 8.42 -11.94
N LEU A 48 0.92 8.99 -11.86
CA LEU A 48 1.09 10.39 -11.47
C LEU A 48 1.75 11.26 -12.52
N GLU A 49 1.31 12.50 -12.63
CA GLU A 49 1.91 13.44 -13.56
C GLU A 49 3.37 13.73 -13.16
N GLU A 50 4.28 13.78 -14.13
CA GLU A 50 5.71 14.04 -13.85
C GLU A 50 5.91 15.30 -13.03
N ILE A 51 6.86 15.27 -12.11
CA ILE A 51 7.20 16.46 -11.34
C ILE A 51 8.43 17.18 -11.85
N LYS A 52 8.26 18.45 -12.20
CA LYS A 52 9.37 19.27 -12.69
C LYS A 52 9.40 20.66 -12.04
N GLU A 53 8.34 21.00 -11.32
CA GLU A 53 8.30 22.23 -10.53
C GLU A 53 8.56 22.01 -9.05
N GLN A 54 9.41 22.85 -8.49
CA GLN A 54 9.81 22.73 -7.10
C GLN A 54 8.66 22.98 -6.16
N GLU A 55 7.76 23.86 -6.57
CA GLU A 55 6.61 24.15 -5.75
C GLU A 55 5.84 22.87 -5.46
N VAL A 56 5.72 22.01 -6.46
CA VAL A 56 5.03 20.73 -6.34
C VAL A 56 5.56 19.72 -5.30
N VAL A 57 6.86 19.47 -5.34
CA VAL A 57 7.50 18.48 -4.45
C VAL A 57 7.43 18.99 -3.02
N ASP A 58 7.46 20.31 -2.86
CA ASP A 58 7.28 20.94 -1.58
C ASP A 58 5.94 20.55 -0.95
N LYS A 59 4.88 20.60 -1.76
CA LYS A 59 3.51 20.39 -1.30
C LYS A 59 3.25 18.93 -0.99
N VAL A 60 3.80 18.05 -1.85
CA VAL A 60 3.67 16.62 -1.66
C VAL A 60 4.34 16.15 -0.37
N MET A 61 5.56 16.60 -0.14
CA MET A 61 6.29 16.25 1.06
C MET A 61 5.61 16.77 2.33
N GLU A 62 5.04 17.96 2.27
CA GLU A 62 4.35 18.55 3.42
C GLU A 62 3.20 17.67 3.89
N THR A 63 2.44 17.16 2.93
CA THR A 63 1.29 16.28 3.23
C THR A 63 1.70 14.88 3.73
N LEU A 64 2.80 14.36 3.22
CA LEU A 64 3.25 13.01 3.58
C LEU A 64 3.93 13.01 4.95
N ASP A 65 4.54 14.14 5.30
CA ASP A 65 5.36 14.29 6.49
C ASP A 65 4.55 14.57 7.74
N ASN A 66 4.44 13.58 8.61
CA ASN A 66 3.62 13.71 9.80
C ASN A 66 4.44 13.92 11.06
N ASP A 67 5.71 13.53 11.00
CA ASP A 67 6.63 13.70 12.12
C ASP A 67 7.44 15.00 11.99
N GLY A 68 7.26 15.70 10.88
CA GLY A 68 7.86 17.01 10.67
C GLY A 68 9.38 17.06 10.60
N ASP A 69 10.00 16.17 9.80
CA ASP A 69 11.45 16.24 9.64
C ASP A 69 11.81 16.57 8.21
N GLY A 70 10.79 16.79 7.40
CA GLY A 70 11.03 17.20 6.03
C GLY A 70 11.42 16.04 5.16
N GLU A 71 11.20 14.82 5.65
CA GLU A 71 11.57 13.67 4.86
C GLU A 71 10.52 12.59 5.04
N CYS A 72 10.56 11.64 4.13
CA CYS A 72 9.60 10.57 4.13
C CYS A 72 10.17 9.21 4.57
N ASP A 73 9.77 8.70 5.75
CA ASP A 73 10.21 7.36 6.19
C ASP A 73 9.31 6.26 5.57
N PHE A 74 9.58 5.00 5.91
CA PHE A 74 8.86 3.94 5.22
C PHE A 74 7.36 3.96 5.57
N GLN A 75 7.04 4.21 6.82
CA GLN A 75 5.65 4.26 7.22
C GLN A 75 4.91 5.34 6.41
N GLU A 76 5.54 6.51 6.27
CA GLU A 76 4.94 7.59 5.50
C GLU A 76 4.85 7.27 4.02
N PHE A 77 5.83 6.57 3.51
CA PHE A 77 5.79 6.17 2.12
C PHE A 77 4.66 5.16 1.85
N MET A 78 4.43 4.24 2.79
CA MET A 78 3.36 3.29 2.65
C MET A 78 2.02 3.97 2.62
N ALA A 79 1.87 5.02 3.42
CA ALA A 79 0.67 5.83 3.40
C ALA A 79 0.47 6.43 2.02
N PHE A 80 1.53 6.94 1.43
CA PHE A 80 1.49 7.48 0.08
C PHE A 80 1.05 6.43 -0.93
N VAL A 81 1.70 5.26 -0.88
CA VAL A 81 1.29 4.15 -1.75
C VAL A 81 -0.19 3.78 -1.57
N ALA A 82 -0.66 3.72 -0.32
CA ALA A 82 -2.05 3.43 -0.01
C ALA A 82 -2.96 4.42 -0.71
N MET A 83 -2.58 5.68 -0.66
CA MET A 83 -3.38 6.77 -1.20
C MET A 83 -3.50 6.67 -2.72
N VAL A 84 -2.37 6.53 -3.39
CA VAL A 84 -2.32 6.39 -4.83
C VAL A 84 -3.07 5.15 -5.35
N THR A 85 -2.87 3.99 -4.70
CA THR A 85 -3.49 2.73 -5.14
C THR A 85 -5.02 2.91 -5.03
N THR A 86 -5.47 3.51 -3.93
CA THR A 86 -6.89 3.76 -3.73
C THR A 86 -7.42 4.57 -4.90
N ALA A 87 -6.68 5.59 -5.32
CA ALA A 87 -7.12 6.40 -6.46
C ALA A 87 -7.28 5.67 -7.82
N CYS A 88 -6.33 4.79 -8.15
CA CYS A 88 -6.35 3.99 -9.39
C CYS A 88 -7.51 2.99 -9.42
N HIS A 89 -7.82 2.50 -8.23
CA HIS A 89 -8.90 1.58 -8.04
C HIS A 89 -10.17 2.36 -8.35
N GLU A 90 -10.27 3.56 -7.78
CA GLU A 90 -11.41 4.47 -7.91
C GLU A 90 -11.63 4.77 -9.39
N PHE A 91 -10.53 4.81 -10.15
CA PHE A 91 -10.59 5.03 -11.61
C PHE A 91 -10.67 3.70 -12.39
N PHE A 92 -11.33 2.73 -11.76
CA PHE A 92 -11.61 1.39 -12.31
C PHE A 92 -12.99 0.92 -11.82
N GLU A 93 -13.93 1.85 -11.69
CA GLU A 93 -15.29 1.53 -11.23
C GLU A 93 -16.38 2.10 -12.16
N HIS B 3 5.96 0.18 -20.72
CA HIS B 3 7.06 -0.11 -19.82
C HIS B 3 6.63 0.07 -18.37
N MET B 4 5.68 -0.73 -17.87
CA MET B 4 5.22 -0.50 -16.50
C MET B 4 6.21 -1.01 -15.43
N SER B 5 6.36 -0.22 -14.38
CA SER B 5 7.35 -0.45 -13.31
C SER B 5 7.01 -1.48 -12.28
N GLU B 6 8.02 -1.89 -11.52
CA GLU B 6 7.81 -2.84 -10.44
C GLU B 6 6.85 -2.30 -9.38
N LEU B 7 6.99 -1.03 -9.03
CA LEU B 7 6.12 -0.41 -8.06
C LEU B 7 4.68 -0.43 -8.53
N GLU B 8 4.47 -0.11 -9.79
CA GLU B 8 3.13 -0.09 -10.33
C GLU B 8 2.50 -1.47 -10.46
N LYS B 9 3.32 -2.45 -10.85
CA LYS B 9 2.86 -3.81 -10.93
C LYS B 9 2.49 -4.25 -9.57
N ALA B 10 3.28 -3.86 -8.58
CA ALA B 10 2.96 -4.24 -7.22
C ALA B 10 1.60 -3.66 -6.80
N MET B 11 1.34 -2.41 -7.17
CA MET B 11 0.06 -1.77 -6.85
C MET B 11 -1.14 -2.45 -7.48
N VAL B 12 -0.95 -2.90 -8.71
CA VAL B 12 -2.01 -3.54 -9.45
C VAL B 12 -2.31 -4.91 -8.85
N ALA B 13 -1.28 -5.55 -8.31
CA ALA B 13 -1.49 -6.85 -7.71
C ALA B 13 -2.32 -6.74 -6.44
N LEU B 14 -2.23 -5.60 -5.78
CA LEU B 14 -2.99 -5.36 -4.57
C LEU B 14 -4.45 -5.26 -4.90
N ILE B 15 -4.73 -4.61 -6.02
CA ILE B 15 -6.09 -4.47 -6.46
C ILE B 15 -6.61 -5.85 -6.82
N ASP B 16 -5.79 -6.63 -7.49
CA ASP B 16 -6.16 -7.94 -7.98
C ASP B 16 -6.40 -8.88 -6.84
N VAL B 17 -5.56 -8.85 -5.81
CA VAL B 17 -5.75 -9.81 -4.75
C VAL B 17 -7.02 -9.41 -3.96
N PHE B 18 -7.29 -8.10 -3.83
CA PHE B 18 -8.53 -7.68 -3.19
C PHE B 18 -9.77 -8.15 -3.97
N HIS B 19 -9.76 -7.94 -5.27
CA HIS B 19 -10.88 -8.33 -6.09
C HIS B 19 -11.13 -9.84 -6.00
N GLN B 20 -10.07 -10.62 -5.93
CA GLN B 20 -10.21 -12.07 -5.85
C GLN B 20 -10.94 -12.52 -4.62
N TYR B 21 -10.58 -11.97 -3.47
CA TYR B 21 -11.18 -12.44 -2.23
C TYR B 21 -12.50 -11.79 -1.90
N SER B 22 -12.64 -10.52 -2.25
CA SER B 22 -13.86 -9.81 -1.96
C SER B 22 -15.03 -10.40 -2.79
N GLY B 23 -14.69 -10.96 -3.94
CA GLY B 23 -15.66 -11.46 -4.90
C GLY B 23 -16.25 -12.83 -4.67
N ARG B 24 -15.76 -13.54 -3.66
CA ARG B 24 -16.13 -14.93 -3.43
C ARG B 24 -17.56 -15.08 -2.89
N GLU B 25 -17.80 -14.32 -1.81
CA GLU B 25 -19.01 -14.36 -1.05
C GLU B 25 -19.64 -13.04 -0.86
N GLY B 26 -20.95 -13.07 -0.68
CA GLY B 26 -21.69 -11.91 -0.26
C GLY B 26 -21.47 -10.76 -1.20
N ASP B 27 -21.26 -9.60 -0.60
CA ASP B 27 -20.90 -8.39 -1.33
C ASP B 27 -19.63 -8.63 -2.16
N LYS B 28 -19.76 -8.57 -3.48
CA LYS B 28 -18.63 -8.88 -4.30
C LYS B 28 -17.55 -7.78 -4.24
N HIS B 29 -17.84 -6.63 -3.63
CA HIS B 29 -16.85 -5.56 -3.52
C HIS B 29 -16.30 -5.36 -2.12
N LYS B 30 -16.68 -6.20 -1.18
CA LYS B 30 -16.19 -6.05 0.17
C LYS B 30 -15.76 -7.36 0.74
N LEU B 31 -14.85 -7.30 1.69
CA LEU B 31 -14.45 -8.45 2.45
C LEU B 31 -15.19 -8.64 3.72
N LYS B 32 -15.89 -9.75 3.81
CA LYS B 32 -16.47 -10.12 5.09
C LYS B 32 -15.41 -10.83 5.90
N LYS B 33 -15.70 -11.13 7.15
CA LYS B 33 -14.73 -11.73 8.06
C LYS B 33 -14.09 -12.99 7.50
N SER B 34 -14.91 -13.87 6.97
CA SER B 34 -14.41 -15.12 6.49
C SER B 34 -13.48 -14.96 5.29
N GLU B 35 -13.82 -14.03 4.40
CA GLU B 35 -12.98 -13.69 3.26
C GLU B 35 -11.68 -13.07 3.73
N LEU B 36 -11.74 -12.31 4.81
CA LEU B 36 -10.55 -11.62 5.29
C LEU B 36 -9.61 -12.66 5.87
N LYS B 37 -10.19 -13.60 6.59
CA LYS B 37 -9.44 -14.66 7.25
C LYS B 37 -8.76 -15.54 6.22
N GLU B 38 -9.46 -15.86 5.13
CA GLU B 38 -8.88 -16.73 4.11
C GLU B 38 -7.74 -16.00 3.42
N LEU B 39 -7.91 -14.71 3.18
CA LEU B 39 -6.85 -13.91 2.56
C LEU B 39 -5.62 -14.00 3.42
N ILE B 40 -5.79 -13.85 4.73
CA ILE B 40 -4.62 -13.82 5.59
C ILE B 40 -3.97 -15.23 5.60
N ASN B 41 -4.78 -16.29 5.71
CA ASN B 41 -4.23 -17.65 5.76
C ASN B 41 -3.72 -18.16 4.42
N ASN B 42 -4.32 -17.73 3.32
CA ASN B 42 -3.89 -18.21 2.01
C ASN B 42 -2.79 -17.34 1.41
N GLU B 43 -2.78 -16.03 1.70
CA GLU B 43 -1.93 -15.11 0.97
C GLU B 43 -0.90 -14.37 1.82
N LEU B 44 -0.97 -14.49 3.15
CA LEU B 44 -0.01 -13.78 3.99
C LEU B 44 0.65 -14.73 4.96
N SER B 45 0.72 -16.00 4.56
CA SER B 45 1.17 -17.09 5.43
C SER B 45 2.64 -17.05 5.81
N HIS B 46 3.46 -16.33 5.05
CA HIS B 46 4.87 -16.22 5.42
C HIS B 46 5.15 -15.01 6.29
N PHE B 47 4.18 -14.12 6.45
CA PHE B 47 4.37 -12.89 7.24
C PHE B 47 3.55 -12.90 8.53
N LEU B 48 2.32 -13.40 8.42
CA LEU B 48 1.47 -13.51 9.58
C LEU B 48 1.27 -14.93 10.01
N GLU B 49 1.18 -15.08 11.33
CA GLU B 49 0.85 -16.33 11.96
C GLU B 49 -0.53 -16.71 11.52
N GLU B 50 -0.78 -18.00 11.34
CA GLU B 50 -2.10 -18.45 10.89
C GLU B 50 -3.19 -17.96 11.83
N ILE B 51 -4.35 -17.61 11.28
CA ILE B 51 -5.50 -17.29 12.10
C ILE B 51 -6.40 -18.49 12.29
N LYS B 52 -6.59 -18.90 13.54
CA LYS B 52 -7.39 -20.07 13.82
C LYS B 52 -8.64 -19.71 14.61
N GLU B 53 -8.63 -18.58 15.30
CA GLU B 53 -9.75 -18.25 16.19
C GLU B 53 -10.59 -17.12 15.68
N GLN B 54 -11.89 -17.26 15.85
CA GLN B 54 -12.81 -16.24 15.44
C GLN B 54 -12.57 -14.89 16.12
N GLU B 55 -12.19 -14.95 17.39
CA GLU B 55 -11.95 -13.75 18.20
C GLU B 55 -10.96 -12.86 17.53
N VAL B 56 -9.96 -13.48 16.92
CA VAL B 56 -8.88 -12.78 16.24
C VAL B 56 -9.39 -12.18 14.93
N VAL B 57 -10.15 -12.94 14.17
CA VAL B 57 -10.78 -12.40 12.98
C VAL B 57 -11.57 -11.18 13.36
N ASP B 58 -12.35 -11.30 14.43
CA ASP B 58 -13.17 -10.20 14.91
C ASP B 58 -12.36 -8.94 15.21
N LYS B 59 -11.26 -9.12 15.94
CA LYS B 59 -10.42 -8.01 16.36
C LYS B 59 -9.82 -7.34 15.14
N VAL B 60 -9.36 -8.13 14.19
CA VAL B 60 -8.74 -7.57 13.01
C VAL B 60 -9.73 -6.73 12.21
N MET B 61 -10.91 -7.28 11.91
CA MET B 61 -11.96 -6.55 11.19
C MET B 61 -12.39 -5.25 11.92
N GLU B 62 -12.56 -5.33 13.23
CA GLU B 62 -12.93 -4.16 14.03
C GLU B 62 -11.88 -3.05 13.84
N THR B 63 -10.61 -3.42 13.87
CA THR B 63 -9.51 -2.50 13.67
C THR B 63 -9.55 -1.86 12.27
N LEU B 64 -9.86 -2.68 11.28
CA LEU B 64 -9.80 -2.25 9.89
C LEU B 64 -11.00 -1.49 9.46
N ASP B 65 -12.15 -1.85 10.00
CA ASP B 65 -13.48 -1.28 9.64
C ASP B 65 -13.71 0.11 10.19
N ASN B 66 -13.47 1.12 9.36
CA ASN B 66 -13.64 2.48 9.84
C ASN B 66 -15.01 3.13 9.59
N ASP B 67 -15.85 2.53 8.76
CA ASP B 67 -17.18 3.09 8.56
C ASP B 67 -18.29 2.29 9.21
N GLY B 68 -17.93 1.26 9.96
CA GLY B 68 -18.87 0.52 10.78
C GLY B 68 -19.87 -0.41 10.09
N ASP B 69 -19.52 -0.93 8.92
CA ASP B 69 -20.45 -1.78 8.17
C ASP B 69 -20.11 -3.27 8.29
N GLY B 70 -19.12 -3.59 9.11
CA GLY B 70 -18.78 -4.97 9.39
C GLY B 70 -17.95 -5.57 8.30
N GLU B 71 -17.76 -4.83 7.23
CA GLU B 71 -16.98 -5.36 6.16
C GLU B 71 -15.82 -4.45 5.85
N CYS B 72 -14.94 -4.96 5.02
CA CYS B 72 -13.77 -4.26 4.61
C CYS B 72 -13.70 -3.87 3.11
N ASP B 73 -13.85 -2.60 2.76
CA ASP B 73 -13.71 -2.18 1.36
C ASP B 73 -12.22 -2.02 0.99
N PHE B 74 -11.94 -1.51 -0.20
CA PHE B 74 -10.56 -1.42 -0.68
C PHE B 74 -9.76 -0.45 0.13
N GLN B 75 -10.35 0.70 0.46
CA GLN B 75 -9.61 1.68 1.20
C GLN B 75 -9.22 1.12 2.55
N GLU B 76 -10.14 0.41 3.19
CA GLU B 76 -9.85 -0.23 4.46
C GLU B 76 -8.81 -1.35 4.35
N PHE B 77 -8.77 -2.01 3.20
CA PHE B 77 -7.79 -3.07 2.93
C PHE B 77 -6.37 -2.53 2.73
N MET B 78 -6.28 -1.40 2.03
CA MET B 78 -5.01 -0.73 1.80
C MET B 78 -4.38 -0.33 3.15
N ALA B 79 -5.17 0.18 4.07
CA ALA B 79 -4.67 0.44 5.41
C ALA B 79 -4.09 -0.82 6.04
N PHE B 80 -4.74 -1.96 5.79
CA PHE B 80 -4.25 -3.24 6.26
C PHE B 80 -2.90 -3.56 5.62
N VAL B 81 -2.79 -3.39 4.31
CA VAL B 81 -1.53 -3.67 3.64
C VAL B 81 -0.38 -2.77 4.14
N ALA B 82 -0.69 -1.50 4.41
CA ALA B 82 0.29 -0.57 5.01
C ALA B 82 0.74 -1.01 6.41
N MET B 83 -0.19 -1.26 7.32
CA MET B 83 0.12 -1.81 8.63
C MET B 83 1.06 -2.96 8.53
N VAL B 84 0.65 -3.96 7.80
CA VAL B 84 1.42 -5.19 7.70
C VAL B 84 2.76 -4.93 7.06
N THR B 85 2.77 -4.26 5.90
CA THR B 85 4.01 -4.01 5.19
C THR B 85 4.97 -3.24 6.07
N THR B 86 4.46 -2.27 6.81
CA THR B 86 5.30 -1.51 7.71
C THR B 86 5.86 -2.39 8.81
N ALA B 87 5.06 -3.28 9.36
CA ALA B 87 5.54 -4.18 10.38
C ALA B 87 6.63 -5.09 9.89
N CYS B 88 6.49 -5.62 8.67
CA CYS B 88 7.55 -6.46 8.11
C CYS B 88 8.83 -5.71 7.83
N HIS B 89 8.70 -4.47 7.34
CA HIS B 89 9.87 -3.69 7.01
C HIS B 89 10.77 -3.58 8.24
N GLU B 90 10.09 -3.52 9.38
CA GLU B 90 10.77 -3.38 10.65
C GLU B 90 11.41 -4.65 11.14
N PHE B 91 11.05 -5.79 10.55
CA PHE B 91 11.69 -7.05 10.94
C PHE B 91 12.49 -7.62 9.76
N PHE B 92 13.25 -6.80 9.04
CA PHE B 92 14.04 -7.27 7.87
C PHE B 92 15.45 -6.70 7.77
N GLY C 3 10.63 -18.99 10.22
CA GLY C 3 9.27 -18.52 10.34
C GLY C 3 9.11 -17.31 11.26
N ALA C 4 9.48 -16.12 10.77
CA ALA C 4 9.39 -14.87 11.53
C ALA C 4 8.04 -14.20 11.32
N MET C 5 7.07 -14.51 12.18
CA MET C 5 5.72 -13.99 12.00
C MET C 5 5.20 -13.25 13.24
N ALA C 6 4.38 -12.24 12.99
CA ALA C 6 3.70 -11.53 14.08
C ALA C 6 2.31 -12.12 14.32
N ALA C 7 1.79 -11.94 15.53
CA ALA C 7 0.50 -12.52 15.93
C ALA C 7 -0.70 -11.67 15.47
N THR C 8 -0.55 -10.96 14.35
CA THR C 8 -1.63 -10.20 13.69
C THR C 8 -2.31 -9.12 14.55
N TYR C 9 -1.83 -8.90 15.78
CA TYR C 9 -2.35 -7.81 16.63
C TYR C 9 -1.61 -6.48 16.38
N SER C 10 -0.76 -6.47 15.35
CA SER C 10 0.02 -5.29 14.98
C SER C 10 -0.22 -4.90 13.52
N GLU C 25 -4.57 17.45 -1.93
CA GLU C 25 -4.57 18.53 -2.90
C GLU C 25 -3.59 18.22 -4.02
N SER C 26 -2.40 17.78 -3.63
CA SER C 26 -1.33 17.52 -4.60
C SER C 26 -1.45 16.15 -5.30
N SER C 27 -2.14 15.21 -4.65
CA SER C 27 -2.32 13.87 -5.19
C SER C 27 -3.52 13.80 -6.14
N ILE C 28 -4.54 14.61 -5.85
CA ILE C 28 -5.61 14.82 -6.80
C ILE C 28 -5.03 15.56 -8.00
N LEU C 29 -4.08 16.46 -7.73
CA LEU C 29 -3.42 17.25 -8.77
C LEU C 29 -2.61 16.39 -9.73
N ALA C 30 -1.89 15.42 -9.20
CA ALA C 30 -1.06 14.56 -10.03
C ALA C 30 -1.83 13.36 -10.58
N GLN C 31 -3.08 13.20 -10.13
CA GLN C 31 -3.94 12.13 -10.64
C GLN C 31 -4.94 12.70 -11.66
N ARG C 32 -5.22 13.99 -11.54
CA ARG C 32 -6.07 14.71 -12.51
C ARG C 32 -5.32 14.99 -13.81
N ARG C 33 -4.03 15.30 -13.70
CA ARG C 33 -3.18 15.60 -14.86
C ARG C 33 -2.88 14.34 -15.70
N VAL C 34 -3.26 13.17 -15.19
CA VAL C 34 -3.19 11.92 -15.94
C VAL C 34 -4.29 11.91 -17.02
N ARG C 35 -4.03 12.72 -18.06
CA ARG C 35 -4.90 12.88 -19.20
C ARG C 35 -4.16 12.51 -20.50
N LYS C 36 -4.73 11.57 -21.26
CA LYS C 36 -4.16 11.08 -22.53
C LYS C 36 -5.24 10.43 -23.42
N LEU C 37 -4.80 9.90 -24.56
CA LEU C 37 -5.63 9.25 -25.59
C LEU C 37 -6.49 10.21 -26.45
N PRO C 38 -5.88 10.84 -27.48
CA PRO C 38 -6.74 11.51 -28.48
C PRO C 38 -7.38 10.53 -29.47
CA CA D . 17.86 9.33 1.70
CA CA E . 9.13 12.18 8.10
CL CL F . -13.03 -2.75 -7.33
CA CA G . -17.44 -10.32 -0.30
CA CA H . -16.12 -0.98 6.23
#